data_9D5Z
#
_entry.id   9D5Z
#
_cell.length_a   46.951
_cell.length_b   61.185
_cell.length_c   64.605
_cell.angle_alpha   110.41
_cell.angle_beta   91.22
_cell.angle_gamma   112.20
#
_symmetry.space_group_name_H-M   'P 1'
#
loop_
_entity.id
_entity.type
_entity.pdbx_description
1 polymer 'WD repeat-containing protein 5'
2 non-polymer (3P)-N-[(2S)-1-(6,7-dihydrothieno[3,2-c]pyridin-5(4H)-yl)-1-oxopentan-2-yl]-3-[1-ethyl-3-(trifluoromethyl)-1H-pyrazol-4-yl]-5-[(1H-imidazol-1-yl)methyl]benzamide
3 non-polymer 1,2-ETHANEDIOL
4 water water
#
_entity_poly.entity_id   1
_entity_poly.type   'polypeptide(L)'
_entity_poly.pdbx_seq_one_letter_code
;GTQSKPTPVKPNYALKFTLAGHTKAVSSVKFSPNGEWLASSSADKLIKIWGAYDGKFEKTISGHKLGISDVAWSSDSNLL
VSASDDKTLKIWDVSSGKCLKTLKGHSNYVFCCNFNPQSNLIVSGSFDESVRIWDVKTGKCLKTLPAHSDPVSAVHFNRD
GSLIVSSSYDGLCRIWDTASGQCLKTLIDDDNPPVSFVKFSPNGKYILAATLDNTLKLWDYSKGKCLKTYTGHKNEKYCI
FANFSVTGGKWIVSGSEDNLVYIWNLQTKEIVQKLQGHTDVVISTACHPTENIIASAALENDKTIKLWKSDC
;
_entity_poly.pdbx_strand_id   A,B
#
# COMPACT_ATOMS: atom_id res chain seq x y z
N VAL A 9 -15.43 -20.96 12.16
CA VAL A 9 -14.37 -19.89 12.12
C VAL A 9 -15.04 -18.52 12.10
N LYS A 10 -14.54 -17.64 12.96
CA LYS A 10 -14.91 -16.23 12.96
C LYS A 10 -13.65 -15.42 12.70
N PRO A 11 -13.72 -14.25 12.03
CA PRO A 11 -12.54 -13.41 11.86
C PRO A 11 -12.23 -12.71 13.18
N ASN A 12 -11.06 -12.07 13.24
CA ASN A 12 -10.64 -11.40 14.46
C ASN A 12 -10.00 -10.07 14.08
N TYR A 13 -10.72 -9.29 13.26
CA TYR A 13 -10.31 -7.93 12.95
C TYR A 13 -10.04 -7.15 14.22
N ALA A 14 -8.89 -6.47 14.24
CA ALA A 14 -8.50 -5.58 15.31
C ALA A 14 -8.00 -4.29 14.69
N LEU A 15 -8.13 -3.17 15.42
CA LEU A 15 -7.78 -1.86 14.91
C LEU A 15 -6.27 -1.74 14.77
N LYS A 16 -5.82 -1.31 13.60
CA LYS A 16 -4.42 -1.08 13.32
C LYS A 16 -4.11 0.41 13.24
N PHE A 17 -4.95 1.17 12.54
CA PHE A 17 -4.68 2.59 12.34
C PHE A 17 -5.98 3.37 12.34
N THR A 18 -5.91 4.60 12.84
CA THR A 18 -6.95 5.60 12.64
C THR A 18 -6.37 6.75 11.81
N LEU A 19 -7.04 7.07 10.70
CA LEU A 19 -6.55 8.03 9.73
C LEU A 19 -7.37 9.31 9.85
N ALA A 20 -6.73 10.37 10.35
CA ALA A 20 -7.37 11.65 10.52
C ALA A 20 -6.84 12.64 9.50
N GLY A 21 -7.72 13.54 9.09
CA GLY A 21 -7.33 14.61 8.19
C GLY A 21 -8.52 15.28 7.51
N HIS A 22 -9.57 14.51 7.20
CA HIS A 22 -10.76 15.10 6.61
C HIS A 22 -11.39 16.04 7.64
N THR A 23 -11.98 17.14 7.16
CA THR A 23 -12.51 18.17 8.05
C THR A 23 -14.03 18.15 8.05
N LYS A 24 -14.60 17.22 7.26
CA LYS A 24 -16.03 16.92 7.28
C LYS A 24 -16.19 15.42 7.16
N ALA A 25 -17.44 14.95 7.18
CA ALA A 25 -17.76 13.54 7.04
C ALA A 25 -16.98 12.91 5.88
N VAL A 26 -16.51 11.68 6.09
CA VAL A 26 -15.95 10.87 5.01
C VAL A 26 -17.11 10.17 4.31
N SER A 27 -17.08 10.13 2.97
CA SER A 27 -18.19 9.61 2.18
C SER A 27 -17.91 8.20 1.64
N SER A 28 -16.65 7.92 1.28
CA SER A 28 -16.32 6.68 0.62
C SER A 28 -14.84 6.37 0.81
N VAL A 29 -14.55 5.10 1.08
CA VAL A 29 -13.18 4.60 1.02
C VAL A 29 -13.10 3.42 0.06
N LYS A 30 -11.97 3.33 -0.65
CA LYS A 30 -11.76 2.28 -1.63
C LYS A 30 -10.27 1.96 -1.70
N PHE A 31 -9.96 0.66 -1.71
CA PHE A 31 -8.60 0.23 -1.89
C PHE A 31 -8.23 0.20 -3.37
N SER A 32 -7.00 0.59 -3.70
CA SER A 32 -6.50 0.43 -5.05
C SER A 32 -6.47 -1.05 -5.41
N PRO A 33 -6.71 -1.40 -6.70
CA PRO A 33 -6.62 -2.81 -7.13
C PRO A 33 -5.29 -3.52 -6.83
N ASN A 34 -4.20 -2.75 -6.82
CA ASN A 34 -2.88 -3.29 -6.56
C ASN A 34 -2.59 -3.42 -5.07
N GLY A 35 -3.55 -3.00 -4.24
CA GLY A 35 -3.48 -3.20 -2.80
C GLY A 35 -2.70 -2.12 -2.06
N GLU A 36 -2.03 -1.20 -2.76
CA GLU A 36 -1.03 -0.33 -2.17
C GLU A 36 -1.68 0.80 -1.37
N TRP A 37 -2.84 1.26 -1.84
CA TRP A 37 -3.40 2.54 -1.40
C TRP A 37 -4.84 2.38 -0.94
N LEU A 38 -5.24 3.25 -0.01
CA LEU A 38 -6.62 3.56 0.23
C LEU A 38 -6.88 4.98 -0.27
N ALA A 39 -7.96 5.17 -1.06
CA ALA A 39 -8.46 6.50 -1.36
C ALA A 39 -9.71 6.79 -0.51
N SER A 40 -9.79 8.02 0.01
CA SER A 40 -10.97 8.48 0.73
C SER A 40 -11.52 9.75 0.07
N SER A 41 -12.83 9.85 0.01
CA SER A 41 -13.53 11.06 -0.42
C SER A 41 -14.33 11.61 0.77
N SER A 42 -14.67 12.90 0.72
CA SER A 42 -15.31 13.55 1.86
C SER A 42 -16.21 14.70 1.40
N ALA A 43 -17.19 15.05 2.25
CA ALA A 43 -17.95 16.30 2.16
C ALA A 43 -17.04 17.52 2.13
N ASP A 44 -15.76 17.39 2.56
CA ASP A 44 -14.83 18.51 2.61
C ASP A 44 -14.24 18.84 1.24
N LYS A 45 -14.73 18.16 0.19
CA LYS A 45 -14.39 18.47 -1.20
C LYS A 45 -13.04 17.85 -1.57
N LEU A 46 -12.48 17.01 -0.69
CA LEU A 46 -11.14 16.46 -0.92
C LEU A 46 -11.18 14.95 -1.11
N ILE A 47 -10.18 14.48 -1.88
CA ILE A 47 -9.75 13.10 -1.88
C ILE A 47 -8.41 13.01 -1.15
N LYS A 48 -8.27 12.01 -0.28
CA LYS A 48 -6.98 11.72 0.33
C LYS A 48 -6.55 10.30 0.01
N ILE A 49 -5.22 10.14 -0.15
CA ILE A 49 -4.57 8.89 -0.44
C ILE A 49 -3.72 8.50 0.74
N TRP A 50 -3.86 7.24 1.16
CA TRP A 50 -3.20 6.71 2.34
C TRP A 50 -2.56 5.36 2.03
N GLY A 51 -1.43 5.04 2.67
CA GLY A 51 -0.83 3.72 2.52
C GLY A 51 -1.72 2.66 3.18
N ALA A 52 -2.00 1.57 2.46
CA ALA A 52 -2.92 0.55 2.93
C ALA A 52 -2.38 -0.23 4.14
N TYR A 53 -1.05 -0.33 4.25
CA TYR A 53 -0.44 -1.25 5.19
C TYR A 53 0.15 -0.53 6.41
N ASP A 54 0.55 0.73 6.24
CA ASP A 54 1.10 1.53 7.31
C ASP A 54 0.20 2.70 7.68
N GLY A 55 -0.91 2.88 6.95
CA GLY A 55 -1.86 3.96 7.20
C GLY A 55 -1.30 5.36 6.94
N LYS A 56 -0.15 5.48 6.26
CA LYS A 56 0.54 6.76 6.17
C LYS A 56 -0.14 7.67 5.15
N PHE A 57 -0.45 8.89 5.57
CA PHE A 57 -1.00 9.88 4.66
C PHE A 57 0.01 10.13 3.53
N GLU A 58 -0.49 10.11 2.30
CA GLU A 58 0.33 10.30 1.13
C GLU A 58 0.09 11.68 0.50
N LYS A 59 -1.16 11.98 0.14
CA LYS A 59 -1.43 13.27 -0.52
C LYS A 59 -2.91 13.59 -0.51
N THR A 60 -3.19 14.89 -0.75
CA THR A 60 -4.53 15.40 -0.94
C THR A 60 -4.70 15.76 -2.41
N ILE A 61 -5.88 15.44 -2.94
CA ILE A 61 -6.25 15.73 -4.31
C ILE A 61 -7.47 16.63 -4.24
N SER A 62 -7.40 17.79 -4.91
N SER A 62 -7.37 17.83 -4.86
CA SER A 62 -8.42 18.82 -4.74
CA SER A 62 -8.37 18.88 -4.73
C SER A 62 -8.80 19.40 -6.09
C SER A 62 -8.83 19.35 -6.10
N GLY A 63 -10.02 19.95 -6.16
CA GLY A 63 -10.48 20.61 -7.36
C GLY A 63 -12.00 20.72 -7.45
N HIS A 64 -12.73 19.76 -6.87
CA HIS A 64 -14.17 19.89 -6.79
C HIS A 64 -14.56 21.14 -6.00
N LYS A 65 -15.66 21.75 -6.42
CA LYS A 65 -16.17 22.99 -5.84
C LYS A 65 -17.12 22.69 -4.68
N LEU A 66 -17.68 21.47 -4.65
CA LEU A 66 -18.56 21.02 -3.59
C LEU A 66 -18.11 19.61 -3.16
N GLY A 67 -18.79 19.08 -2.14
CA GLY A 67 -18.46 17.80 -1.56
C GLY A 67 -18.49 16.64 -2.54
N ILE A 68 -17.77 15.57 -2.17
CA ILE A 68 -17.65 14.37 -2.97
C ILE A 68 -18.35 13.24 -2.25
N SER A 69 -19.19 12.49 -2.98
CA SER A 69 -19.94 11.37 -2.42
C SER A 69 -19.19 10.05 -2.61
N ASP A 70 -18.34 9.94 -3.64
CA ASP A 70 -17.79 8.64 -4.01
C ASP A 70 -16.53 8.84 -4.84
N VAL A 71 -15.69 7.81 -4.81
CA VAL A 71 -14.45 7.76 -5.58
C VAL A 71 -14.24 6.30 -5.98
N ALA A 72 -13.52 6.08 -7.09
CA ALA A 72 -13.27 4.74 -7.60
C ALA A 72 -11.97 4.74 -8.38
N TRP A 73 -11.30 3.59 -8.39
CA TRP A 73 -9.99 3.40 -9.01
C TRP A 73 -10.11 2.72 -10.36
N SER A 74 -9.17 3.07 -11.25
CA SER A 74 -8.98 2.30 -12.46
C SER A 74 -8.26 0.99 -12.13
N SER A 75 -8.34 0.05 -13.07
CA SER A 75 -7.81 -1.29 -12.86
C SER A 75 -6.31 -1.29 -12.62
N ASP A 76 -5.58 -0.33 -13.22
CA ASP A 76 -4.13 -0.28 -13.11
C ASP A 76 -3.70 0.55 -11.90
N SER A 77 -4.65 1.02 -11.11
CA SER A 77 -4.39 1.77 -9.90
C SER A 77 -3.76 3.14 -10.18
N ASN A 78 -3.84 3.62 -11.43
CA ASN A 78 -3.21 4.89 -11.80
C ASN A 78 -4.19 6.07 -11.84
N LEU A 79 -5.49 5.80 -12.04
CA LEU A 79 -6.50 6.84 -12.09
C LEU A 79 -7.54 6.67 -10.97
N LEU A 80 -8.13 7.79 -10.58
CA LEU A 80 -9.35 7.83 -9.78
C LEU A 80 -10.44 8.56 -10.55
N VAL A 81 -11.69 8.24 -10.24
CA VAL A 81 -12.82 9.07 -10.63
C VAL A 81 -13.56 9.44 -9.34
N SER A 82 -14.05 10.69 -9.27
CA SER A 82 -14.82 11.17 -8.15
C SER A 82 -16.17 11.67 -8.63
N ALA A 83 -17.19 11.54 -7.76
CA ALA A 83 -18.54 12.03 -8.02
C ALA A 83 -18.89 13.11 -7.01
N SER A 84 -19.34 14.28 -7.48
CA SER A 84 -19.48 15.46 -6.64
C SER A 84 -20.85 16.11 -6.75
N ASP A 85 -21.17 16.83 -5.67
CA ASP A 85 -22.37 17.65 -5.61
C ASP A 85 -22.29 18.81 -6.59
N ASP A 86 -21.10 19.06 -7.17
CA ASP A 86 -20.97 20.09 -8.20
C ASP A 86 -21.51 19.61 -9.55
N LYS A 87 -22.10 18.41 -9.59
CA LYS A 87 -22.82 17.86 -10.72
C LYS A 87 -21.85 17.25 -11.72
N THR A 88 -20.56 17.17 -11.35
CA THR A 88 -19.55 16.61 -12.24
C THR A 88 -18.92 15.36 -11.62
N LEU A 89 -18.30 14.58 -12.50
CA LEU A 89 -17.23 13.70 -12.10
C LEU A 89 -15.90 14.28 -12.57
N LYS A 90 -14.84 13.92 -11.87
CA LYS A 90 -13.50 14.25 -12.30
C LYS A 90 -12.67 12.96 -12.35
N ILE A 91 -11.87 12.86 -13.41
CA ILE A 91 -10.84 11.84 -13.51
C ILE A 91 -9.51 12.47 -13.11
N TRP A 92 -8.81 11.74 -12.23
CA TRP A 92 -7.58 12.22 -11.63
C TRP A 92 -6.44 11.27 -11.97
N ASP A 93 -5.27 11.87 -12.23
CA ASP A 93 -4.03 11.13 -12.23
C ASP A 93 -3.53 11.06 -10.79
N VAL A 94 -3.42 9.84 -10.26
CA VAL A 94 -3.10 9.67 -8.85
C VAL A 94 -1.68 10.16 -8.56
N SER A 95 -0.73 9.90 -9.47
N SER A 95 -0.75 9.90 -9.48
CA SER A 95 0.65 10.24 -9.18
CA SER A 95 0.65 10.23 -9.26
C SER A 95 0.84 11.76 -9.19
C SER A 95 0.86 11.75 -9.21
N SER A 96 0.21 12.48 -10.12
CA SER A 96 0.41 13.93 -10.25
C SER A 96 -0.61 14.72 -9.42
N GLY A 97 -1.74 14.09 -9.11
CA GLY A 97 -2.82 14.76 -8.42
C GLY A 97 -3.65 15.67 -9.34
N LYS A 98 -3.37 15.64 -10.64
CA LYS A 98 -3.98 16.55 -11.59
C LYS A 98 -5.32 15.99 -12.08
N CYS A 99 -6.28 16.89 -12.25
CA CYS A 99 -7.54 16.54 -12.89
C CYS A 99 -7.32 16.45 -14.42
N LEU A 100 -7.53 15.25 -14.98
CA LEU A 100 -7.36 15.03 -16.40
C LEU A 100 -8.61 15.43 -17.19
N LYS A 101 -9.79 15.13 -16.64
CA LYS A 101 -11.06 15.38 -17.30
C LYS A 101 -12.11 15.74 -16.25
N THR A 102 -13.04 16.62 -16.65
CA THR A 102 -14.26 16.86 -15.90
C THR A 102 -15.43 16.39 -16.76
N LEU A 103 -16.22 15.47 -16.18
CA LEU A 103 -17.32 14.83 -16.87
C LEU A 103 -18.61 15.59 -16.53
N LYS A 104 -19.16 16.26 -17.55
CA LYS A 104 -20.30 17.14 -17.38
C LYS A 104 -21.48 16.58 -18.16
N GLY A 105 -22.66 16.68 -17.55
CA GLY A 105 -23.87 16.19 -18.17
C GLY A 105 -25.00 15.93 -17.17
N HIS A 106 -24.67 15.41 -15.98
CA HIS A 106 -25.71 15.22 -14.97
C HIS A 106 -26.28 16.59 -14.59
N SER A 107 -27.58 16.62 -14.23
CA SER A 107 -28.29 17.86 -13.92
C SER A 107 -28.53 17.99 -12.41
N ASN A 108 -27.88 17.12 -11.62
CA ASN A 108 -27.98 17.18 -10.17
C ASN A 108 -26.75 16.46 -9.62
N TYR A 109 -26.66 16.37 -8.29
CA TYR A 109 -25.52 15.79 -7.62
C TYR A 109 -25.17 14.44 -8.24
N VAL A 110 -23.87 14.18 -8.42
CA VAL A 110 -23.44 12.85 -8.81
C VAL A 110 -23.11 12.08 -7.53
N PHE A 111 -23.72 10.90 -7.36
CA PHE A 111 -23.67 10.20 -6.09
C PHE A 111 -22.73 9.00 -6.10
N CYS A 112 -22.62 8.31 -7.23
CA CYS A 112 -21.90 7.04 -7.25
C CYS A 112 -21.17 6.88 -8.59
N CYS A 113 -20.06 6.13 -8.58
CA CYS A 113 -19.24 5.98 -9.76
C CYS A 113 -18.38 4.72 -9.66
N ASN A 114 -17.97 4.22 -10.83
CA ASN A 114 -17.12 3.05 -10.93
C ASN A 114 -16.54 2.99 -12.35
N PHE A 115 -15.30 2.51 -12.45
CA PHE A 115 -14.72 2.12 -13.73
C PHE A 115 -15.14 0.70 -14.07
N ASN A 116 -15.14 0.38 -15.36
CA ASN A 116 -15.23 -1.00 -15.79
C ASN A 116 -13.86 -1.68 -15.64
N PRO A 117 -13.80 -3.02 -15.72
CA PRO A 117 -12.52 -3.74 -15.65
C PRO A 117 -11.44 -3.29 -16.62
N GLN A 118 -11.84 -3.07 -17.89
CA GLN A 118 -10.92 -2.55 -18.90
C GLN A 118 -10.46 -1.14 -18.52
N SER A 119 -11.38 -0.39 -17.88
CA SER A 119 -11.18 0.96 -17.38
C SER A 119 -11.17 1.98 -18.52
N ASN A 120 -11.81 1.63 -19.64
CA ASN A 120 -12.05 2.56 -20.73
C ASN A 120 -13.36 3.32 -20.51
N LEU A 121 -14.19 2.82 -19.58
CA LEU A 121 -15.50 3.39 -19.28
C LEU A 121 -15.60 3.69 -17.79
N ILE A 122 -16.42 4.69 -17.50
CA ILE A 122 -16.90 5.00 -16.17
C ILE A 122 -18.42 5.01 -16.23
N VAL A 123 -19.02 4.49 -15.18
CA VAL A 123 -20.46 4.58 -14.97
C VAL A 123 -20.71 5.46 -13.74
N SER A 124 -21.78 6.26 -13.83
CA SER A 124 -22.17 7.18 -12.78
C SER A 124 -23.67 7.08 -12.53
N GLY A 125 -24.08 7.38 -11.29
CA GLY A 125 -25.47 7.55 -10.90
C GLY A 125 -25.68 8.87 -10.19
N SER A 126 -26.87 9.44 -10.39
CA SER A 126 -27.13 10.81 -9.95
C SER A 126 -28.51 10.95 -9.30
N PHE A 127 -28.64 12.03 -8.53
CA PHE A 127 -29.93 12.45 -8.01
C PHE A 127 -30.87 12.82 -9.17
N ASP A 128 -30.32 13.03 -10.37
CA ASP A 128 -31.10 13.36 -11.55
C ASP A 128 -31.83 12.13 -12.10
N GLU A 129 -31.65 10.97 -11.46
CA GLU A 129 -32.39 9.74 -11.69
C GLU A 129 -31.83 8.96 -12.89
N SER A 130 -30.68 9.40 -13.43
CA SER A 130 -30.09 8.79 -14.59
C SER A 130 -28.82 8.03 -14.21
N VAL A 131 -28.45 7.08 -15.08
CA VAL A 131 -27.16 6.46 -15.07
C VAL A 131 -26.44 6.90 -16.34
N ARG A 132 -25.19 7.37 -16.23
CA ARG A 132 -24.45 7.76 -17.41
CA ARG A 132 -24.44 7.78 -17.40
C ARG A 132 -23.22 6.88 -17.58
N ILE A 133 -22.88 6.58 -18.84
CA ILE A 133 -21.69 5.82 -19.20
C ILE A 133 -20.76 6.77 -19.97
N TRP A 134 -19.51 6.86 -19.49
CA TRP A 134 -18.57 7.86 -19.98
C TRP A 134 -17.33 7.21 -20.58
N ASP A 135 -16.81 7.84 -21.64
CA ASP A 135 -15.55 7.47 -22.22
C ASP A 135 -14.40 8.12 -21.44
N VAL A 136 -13.54 7.29 -20.85
CA VAL A 136 -12.44 7.78 -20.01
C VAL A 136 -11.48 8.65 -20.82
N LYS A 137 -11.14 8.21 -22.05
CA LYS A 137 -10.13 8.90 -22.86
C LYS A 137 -10.62 10.29 -23.29
N THR A 138 -11.87 10.42 -23.73
CA THR A 138 -12.35 11.69 -24.26
C THR A 138 -13.07 12.50 -23.18
N GLY A 139 -13.60 11.82 -22.16
CA GLY A 139 -14.34 12.50 -21.12
C GLY A 139 -15.75 12.84 -21.56
N LYS A 140 -16.19 12.28 -22.69
CA LYS A 140 -17.53 12.52 -23.20
C LYS A 140 -18.48 11.44 -22.70
N CYS A 141 -19.73 11.85 -22.50
CA CYS A 141 -20.80 10.93 -22.16
C CYS A 141 -21.17 10.15 -23.42
N LEU A 142 -21.13 8.81 -23.31
CA LEU A 142 -21.51 7.92 -24.40
C LEU A 142 -23.00 7.62 -24.37
N LYS A 143 -23.54 7.36 -23.18
CA LYS A 143 -24.95 7.05 -23.04
C LYS A 143 -25.50 7.63 -21.75
N THR A 144 -26.76 8.05 -21.83
CA THR A 144 -27.57 8.43 -20.67
C THR A 144 -28.74 7.45 -20.59
N LEU A 145 -28.76 6.68 -19.49
CA LEU A 145 -29.80 5.70 -19.26
C LEU A 145 -30.88 6.32 -18.38
N PRO A 146 -32.16 6.36 -18.81
CA PRO A 146 -33.25 6.82 -17.94
C PRO A 146 -33.58 5.73 -16.92
N ALA A 147 -32.67 5.56 -15.96
CA ALA A 147 -32.55 4.30 -15.25
C ALA A 147 -33.63 4.11 -14.19
N HIS A 148 -34.04 5.20 -13.55
CA HIS A 148 -34.82 5.12 -12.34
C HIS A 148 -35.75 6.32 -12.25
N SER A 149 -36.65 6.29 -11.25
CA SER A 149 -37.62 7.35 -11.02
C SER A 149 -37.38 8.04 -9.68
N ASP A 150 -36.14 7.97 -9.19
CA ASP A 150 -35.70 8.62 -7.98
C ASP A 150 -34.17 8.55 -7.96
N PRO A 151 -33.48 9.21 -7.00
CA PRO A 151 -32.02 9.18 -6.96
C PRO A 151 -31.43 7.77 -7.04
N VAL A 152 -30.33 7.70 -7.79
CA VAL A 152 -29.61 6.46 -7.98
C VAL A 152 -28.55 6.32 -6.88
N SER A 153 -28.61 5.23 -6.13
CA SER A 153 -27.80 5.04 -4.94
C SER A 153 -26.50 4.31 -5.25
N ALA A 154 -26.48 3.48 -6.30
CA ALA A 154 -25.25 2.75 -6.61
C ALA A 154 -25.24 2.34 -8.08
N VAL A 155 -24.02 2.18 -8.62
CA VAL A 155 -23.77 1.64 -9.94
C VAL A 155 -22.49 0.82 -9.88
N HIS A 156 -22.49 -0.33 -10.56
CA HIS A 156 -21.35 -1.24 -10.51
C HIS A 156 -21.32 -2.08 -11.79
N PHE A 157 -20.12 -2.25 -12.35
CA PHE A 157 -19.92 -3.19 -13.44
C PHE A 157 -19.65 -4.59 -12.89
N ASN A 158 -20.08 -5.61 -13.66
CA ASN A 158 -19.74 -6.99 -13.37
C ASN A 158 -18.29 -7.27 -13.83
N ARG A 159 -17.90 -8.54 -13.70
CA ARG A 159 -16.50 -8.94 -13.73
C ARG A 159 -15.82 -8.57 -15.03
N ASP A 160 -16.56 -8.59 -16.15
CA ASP A 160 -15.96 -8.26 -17.44
C ASP A 160 -16.50 -6.95 -18.00
N GLY A 161 -17.37 -6.28 -17.26
CA GLY A 161 -17.89 -5.00 -17.68
C GLY A 161 -19.07 -5.09 -18.65
N SER A 162 -19.56 -6.32 -18.91
CA SER A 162 -20.65 -6.51 -19.86
C SER A 162 -21.97 -6.00 -19.32
N LEU A 163 -22.10 -5.94 -17.98
CA LEU A 163 -23.32 -5.53 -17.33
C LEU A 163 -23.03 -4.42 -16.31
N ILE A 164 -24.06 -3.60 -16.09
CA ILE A 164 -24.11 -2.64 -15.00
C ILE A 164 -25.31 -2.99 -14.12
N VAL A 165 -25.10 -2.98 -12.80
CA VAL A 165 -26.21 -3.04 -11.87
C VAL A 165 -26.39 -1.66 -11.24
N SER A 166 -27.66 -1.22 -11.12
CA SER A 166 -27.99 0.07 -10.51
C SER A 166 -29.07 -0.13 -9.45
N SER A 167 -29.14 0.82 -8.52
CA SER A 167 -30.15 0.78 -7.48
C SER A 167 -30.66 2.19 -7.24
N SER A 168 -31.88 2.30 -6.67
CA SER A 168 -32.48 3.60 -6.48
C SER A 168 -33.41 3.63 -5.27
N TYR A 169 -33.65 4.84 -4.77
CA TYR A 169 -34.72 5.10 -3.81
C TYR A 169 -36.08 4.63 -4.34
N ASP A 170 -36.20 4.51 -5.67
CA ASP A 170 -37.46 4.06 -6.27
C ASP A 170 -37.80 2.63 -5.84
N GLY A 171 -36.85 1.90 -5.24
CA GLY A 171 -37.12 0.56 -4.73
C GLY A 171 -36.71 -0.54 -5.70
N LEU A 172 -36.03 -0.13 -6.78
CA LEU A 172 -35.67 -1.08 -7.83
C LEU A 172 -34.17 -1.30 -7.89
N CYS A 173 -33.80 -2.55 -8.18
N CYS A 173 -33.81 -2.54 -8.25
CA CYS A 173 -32.50 -2.88 -8.75
CA CYS A 173 -32.48 -2.87 -8.73
C CYS A 173 -32.71 -3.24 -10.21
C CYS A 173 -32.60 -3.35 -10.18
N ARG A 174 -31.83 -2.71 -11.07
CA ARG A 174 -31.90 -2.99 -12.50
C ARG A 174 -30.52 -3.38 -13.02
N ILE A 175 -30.52 -4.29 -13.99
CA ILE A 175 -29.31 -4.73 -14.66
C ILE A 175 -29.39 -4.30 -16.13
N TRP A 176 -28.28 -3.71 -16.60
CA TRP A 176 -28.20 -3.05 -17.89
C TRP A 176 -27.12 -3.71 -18.73
N ASP A 177 -27.41 -3.89 -20.01
CA ASP A 177 -26.42 -4.29 -20.98
C ASP A 177 -25.55 -3.08 -21.29
N THR A 178 -24.26 -3.17 -20.97
CA THR A 178 -23.36 -2.04 -21.15
C THR A 178 -23.36 -1.54 -22.60
N ALA A 179 -23.19 -2.47 -23.54
CA ALA A 179 -22.93 -2.11 -24.92
C ALA A 179 -24.09 -1.30 -25.50
N SER A 180 -25.33 -1.65 -25.12
CA SER A 180 -26.54 -1.11 -25.74
C SER A 180 -27.27 -0.13 -24.82
N GLY A 181 -27.01 -0.24 -23.50
CA GLY A 181 -27.73 0.57 -22.54
C GLY A 181 -29.15 0.07 -22.27
N GLN A 182 -29.50 -1.10 -22.82
CA GLN A 182 -30.83 -1.66 -22.62
C GLN A 182 -30.91 -2.38 -21.28
N CYS A 183 -32.08 -2.30 -20.64
CA CYS A 183 -32.32 -2.97 -19.37
C CYS A 183 -32.59 -4.44 -19.65
N LEU A 184 -31.83 -5.31 -18.97
CA LEU A 184 -32.04 -6.74 -19.10
C LEU A 184 -32.96 -7.29 -18.02
N LYS A 185 -33.00 -6.67 -16.85
CA LYS A 185 -33.70 -7.27 -15.72
C LYS A 185 -33.97 -6.19 -14.68
N THR A 186 -35.19 -6.21 -14.16
CA THR A 186 -35.54 -5.53 -12.92
C THR A 186 -35.81 -6.57 -11.84
N LEU A 187 -35.11 -6.47 -10.70
CA LEU A 187 -35.55 -7.11 -9.47
C LEU A 187 -36.42 -6.09 -8.71
N ILE A 188 -37.68 -6.48 -8.46
CA ILE A 188 -38.68 -5.60 -7.85
C ILE A 188 -39.00 -6.09 -6.42
N ASP A 191 -42.50 -6.25 -2.41
CA ASP A 191 -42.28 -4.96 -1.69
C ASP A 191 -41.16 -4.19 -2.39
N ASN A 192 -41.06 -2.87 -2.11
CA ASN A 192 -40.08 -2.02 -2.75
C ASN A 192 -39.61 -0.93 -1.81
N PRO A 193 -38.98 -1.27 -0.65
CA PRO A 193 -38.31 -0.26 0.17
C PRO A 193 -37.18 0.37 -0.63
N PRO A 194 -36.76 1.63 -0.35
CA PRO A 194 -35.60 2.20 -1.04
C PRO A 194 -34.42 1.24 -1.06
N VAL A 195 -33.83 1.06 -2.25
CA VAL A 195 -32.59 0.30 -2.38
C VAL A 195 -31.43 1.28 -2.27
N SER A 196 -30.60 1.08 -1.23
CA SER A 196 -29.57 2.04 -0.85
C SER A 196 -28.18 1.65 -1.32
N PHE A 197 -28.00 0.41 -1.79
CA PHE A 197 -26.69 -0.03 -2.26
C PHE A 197 -26.86 -1.31 -3.08
N VAL A 198 -26.05 -1.49 -4.12
CA VAL A 198 -25.96 -2.76 -4.83
C VAL A 198 -24.53 -2.92 -5.34
N LYS A 199 -24.07 -4.17 -5.43
N LYS A 199 -24.14 -4.18 -5.51
CA LYS A 199 -22.87 -4.47 -6.17
CA LYS A 199 -22.84 -4.54 -6.03
C LYS A 199 -22.87 -5.95 -6.53
C LYS A 199 -22.91 -5.98 -6.53
N PHE A 200 -22.24 -6.27 -7.66
CA PHE A 200 -22.03 -7.63 -8.08
C PHE A 200 -21.03 -8.34 -7.16
N SER A 201 -21.23 -9.66 -7.00
CA SER A 201 -20.23 -10.54 -6.43
C SER A 201 -19.01 -10.57 -7.36
N PRO A 202 -17.81 -10.91 -6.85
CA PRO A 202 -16.61 -10.98 -7.69
C PRO A 202 -16.77 -11.85 -8.93
N ASN A 203 -17.55 -12.93 -8.83
CA ASN A 203 -17.69 -13.84 -9.96
C ASN A 203 -18.82 -13.40 -10.89
N GLY A 204 -19.55 -12.34 -10.51
CA GLY A 204 -20.56 -11.74 -11.37
C GLY A 204 -21.91 -12.46 -11.29
N LYS A 205 -22.03 -13.53 -10.49
CA LYS A 205 -23.22 -14.37 -10.49
C LYS A 205 -24.30 -13.81 -9.56
N TYR A 206 -23.89 -13.08 -8.52
CA TYR A 206 -24.80 -12.63 -7.49
C TYR A 206 -24.77 -11.12 -7.40
N ILE A 207 -25.84 -10.56 -6.82
CA ILE A 207 -25.92 -9.16 -6.51
C ILE A 207 -26.26 -9.03 -5.02
N LEU A 208 -25.47 -8.23 -4.33
CA LEU A 208 -25.72 -7.85 -2.95
C LEU A 208 -26.48 -6.52 -2.96
N ALA A 209 -27.64 -6.49 -2.32
CA ALA A 209 -28.49 -5.31 -2.28
C ALA A 209 -28.87 -4.94 -0.85
N ALA A 210 -28.69 -3.66 -0.51
CA ALA A 210 -29.17 -3.11 0.76
C ALA A 210 -30.50 -2.39 0.54
N THR A 211 -31.42 -2.54 1.50
CA THR A 211 -32.65 -1.77 1.52
C THR A 211 -32.75 -1.04 2.87
N LEU A 212 -33.50 0.06 2.91
CA LEU A 212 -33.56 0.91 4.10
C LEU A 212 -34.56 0.38 5.12
N ASP A 213 -34.65 -0.95 5.23
CA ASP A 213 -35.38 -1.64 6.29
C ASP A 213 -34.39 -2.51 7.06
N ASN A 214 -33.14 -2.05 7.18
CA ASN A 214 -32.14 -2.73 7.98
C ASN A 214 -31.85 -4.14 7.45
N THR A 215 -31.77 -4.29 6.12
CA THR A 215 -31.67 -5.60 5.47
C THR A 215 -30.71 -5.52 4.29
N LEU A 216 -29.83 -6.53 4.23
CA LEU A 216 -29.03 -6.84 3.05
C LEU A 216 -29.51 -8.17 2.47
N LYS A 217 -29.52 -8.27 1.14
CA LYS A 217 -29.91 -9.52 0.50
C LYS A 217 -28.92 -9.88 -0.59
N LEU A 218 -28.69 -11.19 -0.75
CA LEU A 218 -27.91 -11.72 -1.85
C LEU A 218 -28.84 -12.33 -2.89
N TRP A 219 -28.74 -11.84 -4.12
CA TRP A 219 -29.62 -12.26 -5.21
C TRP A 219 -28.83 -13.06 -6.23
N ASP A 220 -29.44 -14.14 -6.73
CA ASP A 220 -28.92 -14.84 -7.89
C ASP A 220 -29.36 -14.06 -9.11
N TYR A 221 -28.40 -13.54 -9.87
CA TYR A 221 -28.73 -12.71 -11.02
C TYR A 221 -29.44 -13.54 -12.09
N SER A 222 -28.90 -14.73 -12.42
CA SER A 222 -29.44 -15.60 -13.45
C SER A 222 -30.92 -15.90 -13.22
N LYS A 223 -31.26 -16.27 -11.97
CA LYS A 223 -32.58 -16.79 -11.64
C LYS A 223 -33.51 -15.69 -11.10
N GLY A 224 -32.94 -14.54 -10.70
CA GLY A 224 -33.72 -13.44 -10.15
C GLY A 224 -34.36 -13.77 -8.80
N LYS A 225 -33.66 -14.55 -7.97
CA LYS A 225 -34.20 -15.05 -6.70
C LYS A 225 -33.28 -14.63 -5.56
N CYS A 226 -33.87 -14.33 -4.39
CA CYS A 226 -33.11 -14.01 -3.19
C CYS A 226 -32.61 -15.29 -2.52
N LEU A 227 -31.29 -15.35 -2.29
CA LEU A 227 -30.63 -16.54 -1.77
C LEU A 227 -30.36 -16.42 -0.27
N LYS A 228 -29.97 -15.21 0.16
CA LYS A 228 -29.58 -14.98 1.54
C LYS A 228 -30.10 -13.63 1.99
N THR A 229 -30.39 -13.52 3.29
CA THR A 229 -30.77 -12.28 3.93
C THR A 229 -29.86 -12.07 5.14
N TYR A 230 -29.32 -10.85 5.30
CA TYR A 230 -28.45 -10.50 6.40
C TYR A 230 -29.07 -9.34 7.18
N THR A 231 -29.24 -9.53 8.49
CA THR A 231 -29.92 -8.56 9.35
C THR A 231 -29.15 -8.42 10.66
N GLY A 232 -29.64 -7.53 11.53
CA GLY A 232 -29.04 -7.28 12.83
C GLY A 232 -28.37 -5.92 12.90
N HIS A 233 -28.03 -5.35 11.74
CA HIS A 233 -27.42 -4.03 11.67
C HIS A 233 -28.52 -2.97 11.59
N LYS A 234 -28.10 -1.69 11.59
CA LYS A 234 -29.03 -0.57 11.49
C LYS A 234 -28.78 0.18 10.18
N ASN A 235 -29.81 0.24 9.34
CA ASN A 235 -29.72 0.91 8.06
C ASN A 235 -31.12 1.33 7.58
N GLU A 236 -31.53 2.54 7.98
N GLU A 236 -31.54 2.54 7.97
CA GLU A 236 -32.85 3.05 7.63
CA GLU A 236 -32.85 3.06 7.61
C GLU A 236 -32.76 4.45 7.01
C GLU A 236 -32.75 4.42 6.93
N LYS A 237 -31.54 4.98 6.82
CA LYS A 237 -31.38 6.38 6.45
C LYS A 237 -30.37 6.56 5.31
N TYR A 238 -29.20 5.94 5.42
CA TYR A 238 -28.07 6.25 4.54
C TYR A 238 -27.79 5.14 3.53
N CYS A 239 -27.14 5.54 2.43
CA CYS A 239 -26.60 4.61 1.45
C CYS A 239 -25.24 4.14 1.95
N ILE A 240 -25.23 2.98 2.58
CA ILE A 240 -24.03 2.45 3.21
C ILE A 240 -23.42 1.39 2.31
N PHE A 241 -22.10 1.50 2.09
CA PHE A 241 -21.40 0.53 1.27
C PHE A 241 -21.30 -0.81 1.99
N ALA A 242 -21.52 -1.89 1.22
CA ALA A 242 -21.30 -3.25 1.67
C ALA A 242 -20.36 -3.96 0.68
N ASN A 243 -19.83 -5.11 1.12
CA ASN A 243 -18.74 -5.76 0.44
C ASN A 243 -18.80 -7.28 0.62
N PHE A 244 -18.28 -7.98 -0.39
CA PHE A 244 -17.80 -9.34 -0.31
C PHE A 244 -16.35 -9.34 0.16
N SER A 245 -16.08 -10.01 1.28
CA SER A 245 -14.73 -10.26 1.73
C SER A 245 -14.36 -11.68 1.29
N VAL A 246 -13.28 -11.81 0.51
CA VAL A 246 -12.94 -13.07 -0.14
C VAL A 246 -11.50 -13.51 0.15
N THR A 247 -10.71 -12.74 0.91
CA THR A 247 -9.30 -13.03 1.06
C THR A 247 -9.05 -14.16 2.06
N GLY A 248 -9.94 -14.28 3.05
CA GLY A 248 -9.88 -15.33 4.04
C GLY A 248 -11.19 -16.10 4.04
N GLY A 249 -11.92 -16.01 5.15
CA GLY A 249 -13.28 -16.53 5.16
C GLY A 249 -14.15 -15.72 4.19
N LYS A 250 -15.25 -16.32 3.74
CA LYS A 250 -16.18 -15.65 2.85
C LYS A 250 -17.23 -14.93 3.69
N TRP A 251 -17.04 -13.60 3.83
CA TRP A 251 -17.93 -12.79 4.62
C TRP A 251 -18.66 -11.78 3.74
N ILE A 252 -19.70 -11.20 4.35
CA ILE A 252 -20.31 -9.96 3.94
C ILE A 252 -19.93 -8.90 4.98
N VAL A 253 -19.51 -7.72 4.52
CA VAL A 253 -19.11 -6.65 5.39
C VAL A 253 -19.95 -5.41 5.07
N SER A 254 -20.47 -4.74 6.10
CA SER A 254 -21.22 -3.50 5.91
C SER A 254 -20.94 -2.54 7.05
N GLY A 255 -21.07 -1.24 6.79
CA GLY A 255 -21.25 -0.28 7.87
C GLY A 255 -22.66 -0.35 8.44
N SER A 256 -22.95 0.54 9.39
CA SER A 256 -24.20 0.51 10.12
C SER A 256 -24.38 1.86 10.81
N GLU A 257 -25.65 2.22 11.09
CA GLU A 257 -26.00 3.51 11.66
C GLU A 257 -25.91 3.51 13.19
N ASP A 258 -25.48 2.37 13.76
CA ASP A 258 -25.17 2.28 15.18
C ASP A 258 -23.65 2.39 15.40
N ASN A 259 -22.91 2.81 14.37
CA ASN A 259 -21.51 3.19 14.50
C ASN A 259 -20.58 1.97 14.52
N LEU A 260 -21.08 0.81 14.06
CA LEU A 260 -20.33 -0.43 14.04
C LEU A 260 -20.10 -0.90 12.61
N VAL A 261 -19.01 -1.65 12.42
CA VAL A 261 -18.82 -2.46 11.23
C VAL A 261 -19.39 -3.85 11.53
N TYR A 262 -20.28 -4.33 10.65
CA TYR A 262 -20.84 -5.66 10.78
C TYR A 262 -20.16 -6.61 9.79
N ILE A 263 -19.90 -7.83 10.26
CA ILE A 263 -19.39 -8.91 9.43
C ILE A 263 -20.26 -10.14 9.64
N TRP A 264 -20.76 -10.69 8.51
CA TRP A 264 -21.58 -11.90 8.49
C TRP A 264 -20.85 -13.01 7.75
N ASN A 265 -21.19 -14.24 8.13
CA ASN A 265 -20.88 -15.42 7.31
C ASN A 265 -21.83 -15.43 6.12
N LEU A 266 -21.26 -15.44 4.90
CA LEU A 266 -22.07 -15.29 3.70
C LEU A 266 -23.10 -16.42 3.58
N GLN A 267 -22.65 -17.66 3.84
CA GLN A 267 -23.51 -18.83 3.66
C GLN A 267 -24.52 -18.97 4.80
N THR A 268 -24.08 -18.76 6.05
CA THR A 268 -24.94 -19.10 7.18
C THR A 268 -25.78 -17.89 7.61
N LYS A 269 -25.28 -16.68 7.31
CA LYS A 269 -25.98 -15.44 7.60
C LYS A 269 -25.81 -15.01 9.06
N GLU A 270 -24.98 -15.73 9.83
CA GLU A 270 -24.74 -15.35 11.21
C GLU A 270 -23.75 -14.19 11.25
N ILE A 271 -23.99 -13.24 12.16
CA ILE A 271 -23.02 -12.21 12.49
C ILE A 271 -21.83 -12.90 13.14
N VAL A 272 -20.64 -12.62 12.62
CA VAL A 272 -19.43 -13.25 13.14
C VAL A 272 -18.53 -12.22 13.82
N GLN A 273 -18.71 -10.94 13.52
CA GLN A 273 -17.96 -9.91 14.22
C GLN A 273 -18.64 -8.56 14.04
N LYS A 274 -18.51 -7.73 15.10
CA LYS A 274 -18.95 -6.35 15.09
C LYS A 274 -17.75 -5.51 15.53
N LEU A 275 -17.33 -4.55 14.71
CA LEU A 275 -16.14 -3.76 15.01
C LEU A 275 -16.55 -2.43 15.64
N GLN A 276 -16.10 -2.22 16.89
CA GLN A 276 -16.45 -1.01 17.62
C GLN A 276 -15.26 -0.04 17.61
N GLY A 277 -15.57 1.26 17.56
CA GLY A 277 -14.55 2.31 17.64
C GLY A 277 -15.03 3.63 17.06
N HIS A 278 -15.75 3.59 15.93
CA HIS A 278 -16.26 4.81 15.31
C HIS A 278 -17.26 5.50 16.24
N THR A 279 -17.39 6.82 16.10
CA THR A 279 -18.29 7.61 16.92
C THR A 279 -19.36 8.29 16.06
N ASP A 280 -19.55 7.79 14.83
CA ASP A 280 -20.69 8.19 14.03
C ASP A 280 -20.99 7.05 13.06
N VAL A 281 -22.03 7.26 12.25
CA VAL A 281 -22.47 6.26 11.29
C VAL A 281 -21.27 5.81 10.45
N VAL A 282 -21.13 4.50 10.31
CA VAL A 282 -20.11 3.95 9.46
C VAL A 282 -20.71 3.85 8.06
N ILE A 283 -20.37 4.86 7.25
CA ILE A 283 -21.04 5.08 5.98
C ILE A 283 -20.42 4.19 4.91
N SER A 284 -19.15 3.79 5.12
CA SER A 284 -18.37 3.12 4.10
C SER A 284 -17.44 2.10 4.72
N THR A 285 -17.38 0.92 4.09
CA THR A 285 -16.40 -0.10 4.36
C THR A 285 -15.83 -0.53 3.01
N ALA A 286 -14.61 -1.01 3.04
CA ALA A 286 -13.96 -1.60 1.89
C ALA A 286 -13.08 -2.76 2.36
N CYS A 287 -12.96 -3.76 1.49
CA CYS A 287 -12.18 -4.96 1.75
C CYS A 287 -10.97 -4.99 0.83
N HIS A 288 -9.80 -5.19 1.43
CA HIS A 288 -8.54 -5.21 0.71
C HIS A 288 -8.52 -6.35 -0.32
N PRO A 289 -7.95 -6.17 -1.52
CA PRO A 289 -7.97 -7.21 -2.56
C PRO A 289 -7.20 -8.49 -2.26
N THR A 290 -6.16 -8.45 -1.39
CA THR A 290 -5.34 -9.65 -1.15
C THR A 290 -5.17 -9.97 0.33
N GLU A 291 -5.16 -8.98 1.22
CA GLU A 291 -5.00 -9.21 2.63
C GLU A 291 -6.34 -9.09 3.35
N ASN A 292 -6.42 -9.71 4.54
CA ASN A 292 -7.60 -9.59 5.39
C ASN A 292 -7.57 -8.25 6.12
N ILE A 293 -7.85 -7.19 5.36
CA ILE A 293 -7.84 -5.82 5.86
C ILE A 293 -9.15 -5.16 5.44
N ILE A 294 -9.81 -4.54 6.44
CA ILE A 294 -10.98 -3.70 6.21
C ILE A 294 -10.59 -2.26 6.51
N ALA A 295 -11.08 -1.36 5.65
CA ALA A 295 -11.16 0.06 5.94
C ALA A 295 -12.61 0.43 6.20
N SER A 296 -12.82 1.28 7.21
CA SER A 296 -14.12 1.82 7.53
C SER A 296 -14.01 3.33 7.66
N ALA A 297 -15.13 4.03 7.43
CA ALA A 297 -15.13 5.48 7.51
C ALA A 297 -16.49 5.96 8.03
N ALA A 298 -16.47 7.10 8.71
CA ALA A 298 -17.65 7.56 9.45
C ALA A 298 -17.97 9.03 9.20
N LEU A 299 -19.19 9.39 9.62
CA LEU A 299 -19.78 10.69 9.33
C LEU A 299 -19.24 11.74 10.31
N GLU A 300 -19.90 12.90 10.35
CA GLU A 300 -19.25 14.14 10.76
C GLU A 300 -18.88 14.19 12.25
N ASN A 301 -19.49 13.37 13.12
CA ASN A 301 -19.09 13.34 14.52
C ASN A 301 -17.76 12.62 14.70
N ASP A 302 -17.25 11.99 13.63
CA ASP A 302 -16.08 11.12 13.70
C ASP A 302 -15.04 11.62 12.70
N LYS A 303 -15.36 11.54 11.40
CA LYS A 303 -14.55 12.07 10.30
C LYS A 303 -13.25 11.30 10.12
N THR A 304 -13.13 10.11 10.71
CA THR A 304 -11.89 9.35 10.59
C THR A 304 -12.15 8.08 9.78
N ILE A 305 -11.03 7.52 9.32
CA ILE A 305 -10.99 6.24 8.65
C ILE A 305 -10.24 5.29 9.57
N LYS A 306 -10.72 4.03 9.65
CA LYS A 306 -10.03 3.04 10.45
C LYS A 306 -9.61 1.88 9.55
N LEU A 307 -8.40 1.39 9.80
CA LEU A 307 -7.89 0.18 9.17
C LEU A 307 -7.79 -0.93 10.21
N TRP A 308 -8.31 -2.11 9.82
CA TRP A 308 -8.49 -3.26 10.69
C TRP A 308 -7.86 -4.47 10.00
N LYS A 309 -7.23 -5.36 10.79
CA LYS A 309 -6.63 -6.55 10.20
C LYS A 309 -7.02 -7.79 10.99
N SER A 310 -7.18 -8.88 10.23
CA SER A 310 -7.65 -10.17 10.73
C SER A 310 -6.70 -11.28 10.27
N ASP A 311 -6.69 -12.38 11.03
CA ASP A 311 -5.94 -13.56 10.64
C ASP A 311 -6.70 -14.41 9.62
N CYS A 312 -8.03 -14.22 9.50
CA CYS A 312 -8.83 -14.95 8.53
C CYS A 312 -10.04 -14.11 8.07
N VAL B 9 18.18 24.47 -4.44
CA VAL B 9 17.81 23.80 -3.16
C VAL B 9 18.95 22.87 -2.76
N LYS B 10 19.46 23.05 -1.54
CA LYS B 10 20.41 22.11 -0.94
C LYS B 10 19.94 21.83 0.49
N PRO B 11 20.03 20.58 0.98
CA PRO B 11 19.67 20.28 2.38
C PRO B 11 20.75 20.79 3.34
N ASN B 12 20.41 20.82 4.64
CA ASN B 12 21.34 21.29 5.66
C ASN B 12 21.33 20.32 6.85
N TYR B 13 21.41 19.02 6.54
CA TYR B 13 21.53 18.01 7.56
C TYR B 13 22.60 18.40 8.56
N ALA B 14 22.22 18.32 9.83
CA ALA B 14 23.11 18.63 10.93
C ALA B 14 22.93 17.57 12.00
N LEU B 15 24.02 17.25 12.69
CA LEU B 15 24.04 16.16 13.65
C LEU B 15 23.16 16.51 14.84
N LYS B 16 22.30 15.57 15.26
CA LYS B 16 21.47 15.79 16.42
C LYS B 16 21.87 14.86 17.55
N PHE B 17 22.24 13.62 17.20
CA PHE B 17 22.57 12.59 18.17
C PHE B 17 23.59 11.61 17.59
N THR B 18 24.43 11.08 18.51
CA THR B 18 25.28 9.92 18.25
C THR B 18 24.82 8.80 19.18
N LEU B 19 24.57 7.62 18.61
CA LEU B 19 24.00 6.49 19.33
C LEU B 19 25.07 5.42 19.51
N ALA B 20 25.54 5.28 20.76
CA ALA B 20 26.57 4.32 21.13
C ALA B 20 25.94 3.15 21.88
N GLY B 21 26.50 1.95 21.68
CA GLY B 21 25.99 0.76 22.33
C GLY B 21 26.54 -0.54 21.70
N HIS B 22 26.56 -0.61 20.37
CA HIS B 22 27.05 -1.80 19.69
C HIS B 22 28.54 -1.98 20.01
N THR B 23 28.98 -3.23 20.13
CA THR B 23 30.34 -3.56 20.54
C THR B 23 31.18 -4.05 19.37
N LYS B 24 30.55 -4.17 18.20
CA LYS B 24 31.25 -4.37 16.95
C LYS B 24 30.61 -3.47 15.91
N ALA B 25 31.13 -3.57 14.68
CA ALA B 25 30.57 -2.84 13.56
C ALA B 25 29.05 -2.92 13.55
N VAL B 26 28.43 -1.80 13.20
CA VAL B 26 27.01 -1.77 12.91
C VAL B 26 26.85 -2.16 11.44
N SER B 27 25.84 -2.97 11.12
CA SER B 27 25.67 -3.46 9.75
C SER B 27 24.52 -2.77 9.01
N SER B 28 23.47 -2.39 9.72
CA SER B 28 22.27 -1.91 9.05
C SER B 28 21.47 -1.08 10.04
N VAL B 29 20.90 0.04 9.57
CA VAL B 29 19.92 0.80 10.34
C VAL B 29 18.68 1.01 9.47
N LYS B 30 17.50 0.98 10.10
CA LYS B 30 16.22 1.10 9.41
C LYS B 30 15.22 1.81 10.33
N PHE B 31 14.48 2.79 9.79
CA PHE B 31 13.40 3.45 10.52
C PHE B 31 12.13 2.61 10.44
N SER B 32 11.42 2.52 11.57
CA SER B 32 10.09 1.89 11.55
C SER B 32 9.16 2.70 10.65
N PRO B 33 8.25 2.02 9.91
CA PRO B 33 7.23 2.71 9.10
C PRO B 33 6.39 3.75 9.82
N ASN B 34 6.15 3.56 11.13
CA ASN B 34 5.39 4.52 11.92
C ASN B 34 6.24 5.70 12.39
N GLY B 35 7.53 5.72 12.03
CA GLY B 35 8.39 6.87 12.28
C GLY B 35 8.95 6.92 13.71
N GLU B 36 8.56 5.99 14.58
CA GLU B 36 8.82 6.10 16.01
C GLU B 36 10.21 5.62 16.39
N TRP B 37 10.73 4.62 15.66
CA TRP B 37 11.91 3.88 16.06
C TRP B 37 12.94 3.81 14.93
N LEU B 38 14.20 3.67 15.37
CA LEU B 38 15.29 3.19 14.54
C LEU B 38 15.72 1.82 15.07
N ALA B 39 15.86 0.85 14.17
CA ALA B 39 16.46 -0.43 14.48
C ALA B 39 17.86 -0.48 13.91
N SER B 40 18.78 -1.08 14.69
CA SER B 40 20.13 -1.31 14.21
C SER B 40 20.49 -2.77 14.40
N SER B 41 21.27 -3.30 13.44
CA SER B 41 21.83 -4.63 13.55
C SER B 41 23.34 -4.48 13.58
N SER B 42 24.03 -5.51 14.07
CA SER B 42 25.46 -5.42 14.27
C SER B 42 26.12 -6.80 14.15
N ALA B 43 27.40 -6.76 13.81
CA ALA B 43 28.29 -7.91 13.90
C ALA B 43 28.33 -8.48 15.32
N ASP B 44 27.91 -7.68 16.32
CA ASP B 44 27.92 -8.10 17.71
C ASP B 44 26.76 -9.04 18.05
N LYS B 45 25.98 -9.44 17.05
CA LYS B 45 24.91 -10.42 17.17
C LYS B 45 23.61 -9.80 17.73
N LEU B 46 23.59 -8.47 17.88
CA LEU B 46 22.47 -7.80 18.53
C LEU B 46 21.70 -6.91 17.57
N ILE B 47 20.42 -6.74 17.89
CA ILE B 47 19.58 -5.69 17.34
C ILE B 47 19.32 -4.71 18.48
N LYS B 48 19.45 -3.41 18.18
CA LYS B 48 19.04 -2.40 19.14
C LYS B 48 17.96 -1.51 18.53
N ILE B 49 17.07 -1.04 19.43
CA ILE B 49 15.95 -0.18 19.10
C ILE B 49 16.19 1.15 19.80
N TRP B 50 16.04 2.23 19.04
CA TRP B 50 16.31 3.57 19.52
C TRP B 50 15.14 4.47 19.14
N GLY B 51 14.84 5.45 20.00
CA GLY B 51 13.89 6.50 19.63
C GLY B 51 14.38 7.29 18.42
N ALA B 52 13.52 7.40 17.40
CA ALA B 52 13.87 8.03 16.14
C ALA B 52 14.11 9.54 16.31
N TYR B 53 13.45 10.15 17.30
CA TYR B 53 13.38 11.59 17.38
C TYR B 53 14.41 12.13 18.37
N ASP B 54 14.63 11.38 19.46
CA ASP B 54 15.52 11.85 20.52
C ASP B 54 16.72 10.93 20.70
N GLY B 55 16.78 9.83 19.94
CA GLY B 55 17.92 8.93 19.97
C GLY B 55 18.02 8.08 21.24
N LYS B 56 16.98 8.05 22.07
CA LYS B 56 17.09 7.40 23.37
C LYS B 56 17.08 5.89 23.16
N PHE B 57 18.00 5.20 23.84
CA PHE B 57 18.09 3.75 23.72
C PHE B 57 16.82 3.15 24.30
N GLU B 58 16.18 2.23 23.55
CA GLU B 58 14.96 1.58 24.01
C GLU B 58 15.27 0.18 24.52
N LYS B 59 15.83 -0.71 23.67
CA LYS B 59 16.06 -2.09 24.07
C LYS B 59 17.03 -2.79 23.13
N THR B 60 17.58 -3.92 23.62
CA THR B 60 18.37 -4.87 22.86
C THR B 60 17.55 -6.12 22.63
N ILE B 61 17.61 -6.64 21.40
CA ILE B 61 16.97 -7.89 21.05
C ILE B 61 18.07 -8.88 20.65
N SER B 62 18.06 -10.06 21.28
CA SER B 62 19.16 -11.00 21.13
C SER B 62 18.61 -12.41 20.90
N GLY B 63 19.45 -13.26 20.30
CA GLY B 63 19.12 -14.66 20.07
C GLY B 63 19.96 -15.28 18.96
N HIS B 64 20.35 -14.49 17.96
CA HIS B 64 21.23 -15.01 16.92
C HIS B 64 22.57 -15.42 17.52
N LYS B 65 23.16 -16.46 16.95
CA LYS B 65 24.36 -17.03 17.54
C LYS B 65 25.61 -16.52 16.84
N LEU B 66 25.42 -15.82 15.71
CA LEU B 66 26.51 -15.14 15.03
C LEU B 66 25.99 -13.77 14.62
N GLY B 67 26.88 -12.98 13.99
CA GLY B 67 26.55 -11.61 13.63
C GLY B 67 25.35 -11.51 12.70
N ILE B 68 24.79 -10.30 12.66
CA ILE B 68 23.66 -9.92 11.82
C ILE B 68 24.11 -8.91 10.79
N SER B 69 23.69 -9.13 9.54
CA SER B 69 24.05 -8.28 8.41
C SER B 69 22.95 -7.27 8.13
N ASP B 70 21.69 -7.60 8.44
CA ASP B 70 20.57 -6.79 8.00
C ASP B 70 19.35 -7.00 8.90
N VAL B 71 18.48 -6.00 8.90
CA VAL B 71 17.23 -6.03 9.65
C VAL B 71 16.21 -5.25 8.82
N ALA B 72 14.92 -5.58 9.00
CA ALA B 72 13.85 -4.93 8.27
C ALA B 72 12.55 -5.00 9.09
N TRP B 73 11.72 -3.97 8.92
CA TRP B 73 10.47 -3.82 9.64
C TRP B 73 9.28 -4.27 8.82
N SER B 74 8.26 -4.82 9.51
CA SER B 74 6.94 -4.98 8.91
C SER B 74 6.27 -3.62 8.77
N SER B 75 5.30 -3.53 7.87
CA SER B 75 4.60 -2.29 7.58
C SER B 75 3.87 -1.72 8.81
N ASP B 76 3.40 -2.58 9.72
CA ASP B 76 2.71 -2.11 10.92
C ASP B 76 3.67 -1.80 12.07
N SER B 77 4.99 -1.88 11.80
CA SER B 77 6.04 -1.58 12.75
C SER B 77 6.08 -2.53 13.96
N ASN B 78 5.36 -3.67 13.91
CA ASN B 78 5.26 -4.57 15.06
C ASN B 78 6.29 -5.71 14.99
N LEU B 79 6.79 -6.01 13.79
CA LEU B 79 7.73 -7.12 13.59
C LEU B 79 9.04 -6.61 13.01
N LEU B 80 10.11 -7.32 13.34
CA LEU B 80 11.40 -7.19 12.65
C LEU B 80 11.77 -8.55 12.08
N VAL B 81 12.54 -8.52 11.00
CA VAL B 81 13.22 -9.71 10.53
C VAL B 81 14.70 -9.38 10.51
N SER B 82 15.55 -10.34 10.88
CA SER B 82 17.00 -10.15 10.84
C SER B 82 17.62 -11.27 10.04
N ALA B 83 18.76 -10.99 9.41
CA ALA B 83 19.51 -11.94 8.60
C ALA B 83 20.89 -12.12 9.20
N SER B 84 21.30 -13.37 9.46
CA SER B 84 22.47 -13.67 10.27
C SER B 84 23.44 -14.64 9.58
N ASP B 85 24.68 -14.54 10.02
CA ASP B 85 25.75 -15.46 9.66
C ASP B 85 25.48 -16.87 10.19
N ASP B 86 24.52 -17.02 11.13
CA ASP B 86 24.13 -18.33 11.60
C ASP B 86 23.26 -19.07 10.58
N LYS B 87 23.02 -18.46 9.41
CA LYS B 87 22.37 -19.07 8.26
C LYS B 87 20.86 -19.03 8.40
N THR B 88 20.37 -18.30 9.41
CA THR B 88 18.94 -18.16 9.63
C THR B 88 18.54 -16.70 9.49
N LEU B 89 17.24 -16.51 9.27
CA LEU B 89 16.57 -15.27 9.64
C LEU B 89 15.70 -15.53 10.87
N LYS B 90 15.51 -14.47 11.67
CA LYS B 90 14.59 -14.53 12.78
C LYS B 90 13.56 -13.43 12.63
N ILE B 91 12.29 -13.78 12.93
CA ILE B 91 11.21 -12.81 13.00
C ILE B 91 10.98 -12.50 14.47
N TRP B 92 10.95 -11.20 14.81
CA TRP B 92 10.87 -10.74 16.18
C TRP B 92 9.60 -9.95 16.42
N ASP B 93 8.96 -10.19 17.57
CA ASP B 93 7.98 -9.28 18.11
C ASP B 93 8.72 -8.14 18.80
N VAL B 94 8.61 -6.94 18.22
CA VAL B 94 9.35 -5.79 18.69
C VAL B 94 9.00 -5.47 20.14
N SER B 95 7.72 -5.50 20.49
CA SER B 95 7.27 -5.09 21.82
C SER B 95 7.83 -6.01 22.91
N SER B 96 7.81 -7.33 22.69
CA SER B 96 8.25 -8.31 23.67
C SER B 96 9.75 -8.63 23.54
N GLY B 97 10.30 -8.40 22.34
CA GLY B 97 11.68 -8.76 22.05
C GLY B 97 11.85 -10.25 21.76
N LYS B 98 10.73 -11.00 21.68
CA LYS B 98 10.79 -12.45 21.56
C LYS B 98 10.97 -12.85 20.10
N CYS B 99 11.76 -13.89 19.86
CA CYS B 99 11.85 -14.51 18.54
C CYS B 99 10.62 -15.36 18.28
N LEU B 100 9.81 -14.98 17.27
CA LEU B 100 8.58 -15.70 16.95
C LEU B 100 8.85 -16.90 16.06
N LYS B 101 9.73 -16.73 15.06
CA LYS B 101 10.06 -17.78 14.11
C LYS B 101 11.55 -17.67 13.76
N THR B 102 12.16 -18.84 13.50
CA THR B 102 13.48 -18.93 12.91
C THR B 102 13.31 -19.56 11.53
N LEU B 103 13.80 -18.81 10.52
CA LEU B 103 13.65 -19.18 9.12
C LEU B 103 14.92 -19.92 8.69
N LYS B 104 14.76 -21.22 8.45
CA LYS B 104 15.88 -22.10 8.15
C LYS B 104 15.75 -22.60 6.72
N GLY B 105 16.88 -22.63 6.01
CA GLY B 105 16.93 -23.19 4.67
C GLY B 105 18.18 -22.74 3.91
N HIS B 106 18.62 -21.50 4.12
CA HIS B 106 19.85 -21.07 3.50
C HIS B 106 21.00 -21.95 3.96
N SER B 107 21.96 -22.19 3.06
CA SER B 107 23.09 -23.04 3.37
C SER B 107 24.35 -22.22 3.65
N ASN B 108 24.22 -20.89 3.76
CA ASN B 108 25.36 -20.02 4.05
C ASN B 108 24.79 -18.74 4.65
N TYR B 109 25.67 -17.77 4.91
CA TYR B 109 25.28 -16.56 5.59
C TYR B 109 24.06 -15.95 4.89
N VAL B 110 23.11 -15.46 5.70
CA VAL B 110 22.04 -14.65 5.16
C VAL B 110 22.45 -13.19 5.29
N PHE B 111 22.42 -12.47 4.17
CA PHE B 111 23.04 -11.16 4.06
C PHE B 111 22.02 -10.04 4.04
N CYS B 112 20.85 -10.28 3.42
CA CYS B 112 19.93 -9.19 3.19
C CYS B 112 18.51 -9.71 3.31
N CYS B 113 17.60 -8.82 3.73
CA CYS B 113 16.21 -9.20 3.97
C CYS B 113 15.27 -8.02 3.85
N ASN B 114 13.99 -8.33 3.65
CA ASN B 114 12.95 -7.32 3.53
C ASN B 114 11.59 -8.00 3.63
N PHE B 115 10.64 -7.30 4.25
CA PHE B 115 9.24 -7.66 4.16
C PHE B 115 8.67 -7.09 2.87
N ASN B 116 7.59 -7.70 2.34
CA ASN B 116 6.79 -7.04 1.31
C ASN B 116 5.93 -5.99 2.00
N PRO B 117 5.34 -5.03 1.25
CA PRO B 117 4.42 -4.05 1.84
C PRO B 117 3.33 -4.69 2.71
N GLN B 118 2.72 -5.77 2.19
CA GLN B 118 1.65 -6.48 2.87
C GLN B 118 2.15 -7.07 4.18
N SER B 119 3.45 -7.44 4.17
CA SER B 119 4.21 -7.99 5.28
C SER B 119 3.73 -9.40 5.61
N ASN B 120 3.16 -10.09 4.61
CA ASN B 120 2.87 -11.51 4.72
C ASN B 120 4.04 -12.33 4.22
N LEU B 121 5.01 -11.70 3.53
CA LEU B 121 6.18 -12.38 3.01
C LEU B 121 7.45 -11.68 3.46
N ILE B 122 8.51 -12.47 3.55
CA ILE B 122 9.89 -11.97 3.65
C ILE B 122 10.68 -12.51 2.46
N VAL B 123 11.55 -11.66 1.92
CA VAL B 123 12.54 -12.07 0.94
C VAL B 123 13.93 -11.97 1.59
N SER B 124 14.78 -12.92 1.24
CA SER B 124 16.13 -12.97 1.75
C SER B 124 17.09 -13.29 0.61
N GLY B 125 18.31 -12.76 0.73
CA GLY B 125 19.41 -13.16 -0.15
C GLY B 125 20.59 -13.62 0.68
N SER B 126 21.35 -14.59 0.14
CA SER B 126 22.39 -15.26 0.90
C SER B 126 23.68 -15.41 0.11
N PHE B 127 24.76 -15.68 0.85
CA PHE B 127 26.02 -16.09 0.25
C PHE B 127 25.86 -17.40 -0.50
N ASP B 128 24.78 -18.14 -0.24
CA ASP B 128 24.50 -19.39 -0.94
C ASP B 128 24.01 -19.18 -2.38
N GLU B 129 23.84 -17.91 -2.79
CA GLU B 129 23.57 -17.50 -4.16
C GLU B 129 22.08 -17.56 -4.47
N SER B 130 21.26 -17.89 -3.47
CA SER B 130 19.83 -17.97 -3.66
C SER B 130 19.13 -16.75 -3.05
N VAL B 131 17.91 -16.54 -3.55
CA VAL B 131 16.92 -15.68 -2.95
C VAL B 131 15.77 -16.58 -2.50
N ARG B 132 15.33 -16.42 -1.24
N ARG B 132 15.33 -16.42 -1.24
CA ARG B 132 14.23 -17.21 -0.72
CA ARG B 132 14.24 -17.21 -0.72
C ARG B 132 13.07 -16.28 -0.37
C ARG B 132 13.08 -16.29 -0.35
N ILE B 133 11.87 -16.80 -0.54
CA ILE B 133 10.63 -16.11 -0.16
C ILE B 133 9.98 -16.97 0.91
N TRP B 134 9.64 -16.33 2.04
CA TRP B 134 9.20 -16.98 3.25
C TRP B 134 7.81 -16.48 3.60
N ASP B 135 6.99 -17.38 4.13
CA ASP B 135 5.72 -17.05 4.73
C ASP B 135 5.94 -16.58 6.17
N VAL B 136 5.49 -15.36 6.46
CA VAL B 136 5.70 -14.79 7.79
C VAL B 136 4.93 -15.58 8.85
N LYS B 137 3.69 -15.98 8.53
CA LYS B 137 2.83 -16.59 9.52
C LYS B 137 3.34 -17.98 9.91
N THR B 138 3.79 -18.78 8.93
CA THR B 138 4.21 -20.14 9.23
C THR B 138 5.72 -20.22 9.42
N GLY B 139 6.47 -19.32 8.81
CA GLY B 139 7.92 -19.38 8.84
C GLY B 139 8.48 -20.38 7.83
N LYS B 140 7.63 -20.93 6.96
CA LYS B 140 8.09 -21.89 5.97
C LYS B 140 8.62 -21.13 4.77
N CYS B 141 9.66 -21.68 4.16
CA CYS B 141 10.14 -21.19 2.88
C CYS B 141 9.15 -21.61 1.78
N LEU B 142 8.68 -20.62 1.01
CA LEU B 142 7.69 -20.84 -0.03
C LEU B 142 8.38 -21.10 -1.36
N LYS B 143 9.46 -20.36 -1.65
CA LYS B 143 10.16 -20.51 -2.91
C LYS B 143 11.65 -20.28 -2.68
N THR B 144 12.46 -21.02 -3.44
CA THR B 144 13.90 -20.78 -3.52
C THR B 144 14.22 -20.44 -4.98
N LEU B 145 14.64 -19.20 -5.22
CA LEU B 145 15.01 -18.75 -6.55
C LEU B 145 16.50 -19.03 -6.76
N PRO B 146 16.90 -19.75 -7.83
CA PRO B 146 18.33 -19.88 -8.16
C PRO B 146 18.78 -18.57 -8.82
N ALA B 147 18.89 -17.52 -8.00
CA ALA B 147 18.83 -16.15 -8.51
C ALA B 147 20.14 -15.69 -9.13
N HIS B 148 21.27 -16.14 -8.54
CA HIS B 148 22.56 -15.61 -8.92
C HIS B 148 23.62 -16.69 -8.86
N SER B 149 24.84 -16.33 -9.29
CA SER B 149 25.97 -17.26 -9.33
C SER B 149 27.11 -16.77 -8.45
N ASP B 150 26.76 -15.94 -7.46
CA ASP B 150 27.68 -15.39 -6.50
C ASP B 150 26.82 -14.83 -5.37
N PRO B 151 27.41 -14.38 -4.25
CA PRO B 151 26.61 -13.84 -3.14
C PRO B 151 25.61 -12.78 -3.56
N VAL B 152 24.45 -12.82 -2.91
CA VAL B 152 23.35 -11.88 -3.17
C VAL B 152 23.52 -10.71 -2.21
N SER B 153 23.68 -9.50 -2.79
CA SER B 153 23.98 -8.31 -2.00
C SER B 153 22.72 -7.60 -1.50
N ALA B 154 21.61 -7.69 -2.25
CA ALA B 154 20.38 -7.00 -1.85
C ALA B 154 19.14 -7.69 -2.41
N VAL B 155 18.04 -7.53 -1.67
CA VAL B 155 16.73 -7.97 -2.10
C VAL B 155 15.72 -6.93 -1.63
N HIS B 156 14.77 -6.59 -2.50
CA HIS B 156 13.79 -5.57 -2.18
C HIS B 156 12.50 -5.80 -2.98
N PHE B 157 11.36 -5.65 -2.30
CA PHE B 157 10.05 -5.67 -2.98
C PHE B 157 9.71 -4.27 -3.49
N ASN B 158 8.96 -4.23 -4.61
CA ASN B 158 8.44 -2.96 -5.08
C ASN B 158 7.22 -2.56 -4.26
N ARG B 159 6.66 -1.40 -4.61
CA ARG B 159 5.68 -0.67 -3.81
C ARG B 159 4.41 -1.48 -3.55
N ASP B 160 4.05 -2.42 -4.43
CA ASP B 160 2.83 -3.20 -4.23
C ASP B 160 3.12 -4.66 -3.92
N GLY B 161 4.40 -5.04 -3.86
CA GLY B 161 4.82 -6.39 -3.49
C GLY B 161 4.82 -7.38 -4.66
N SER B 162 4.43 -6.94 -5.87
CA SER B 162 4.29 -7.83 -7.00
C SER B 162 5.65 -8.23 -7.58
N LEU B 163 6.70 -7.44 -7.32
CA LEU B 163 8.02 -7.67 -7.89
C LEU B 163 9.05 -7.68 -6.77
N ILE B 164 10.14 -8.40 -7.04
CA ILE B 164 11.34 -8.42 -6.22
C ILE B 164 12.51 -8.03 -7.12
N VAL B 165 13.42 -7.21 -6.60
CA VAL B 165 14.70 -7.01 -7.28
C VAL B 165 15.82 -7.58 -6.42
N SER B 166 16.77 -8.26 -7.08
CA SER B 166 17.96 -8.79 -6.43
C SER B 166 19.21 -8.28 -7.14
N SER B 167 20.31 -8.22 -6.38
CA SER B 167 21.62 -7.87 -6.91
C SER B 167 22.67 -8.84 -6.41
N SER B 168 23.79 -8.95 -7.13
CA SER B 168 24.81 -9.91 -6.74
C SER B 168 26.21 -9.49 -7.17
N TYR B 169 27.19 -10.09 -6.50
CA TYR B 169 28.58 -9.99 -6.90
C TYR B 169 28.80 -10.47 -8.32
N ASP B 170 27.88 -11.30 -8.84
CA ASP B 170 27.98 -11.83 -10.19
C ASP B 170 27.85 -10.72 -11.25
N GLY B 171 27.42 -9.52 -10.84
CA GLY B 171 27.35 -8.36 -11.71
C GLY B 171 25.95 -8.13 -12.28
N LEU B 172 24.97 -8.94 -11.84
CA LEU B 172 23.61 -8.83 -12.35
C LEU B 172 22.69 -8.15 -11.35
N CYS B 173 21.73 -7.39 -11.87
N CYS B 173 21.68 -7.49 -11.89
CA CYS B 173 20.46 -7.15 -11.20
CA CYS B 173 20.47 -7.15 -11.17
C CYS B 173 19.38 -7.97 -11.91
C CYS B 173 19.28 -7.80 -11.88
N ARG B 174 18.47 -8.56 -11.12
CA ARG B 174 17.35 -9.28 -11.69
C ARG B 174 16.05 -8.86 -11.03
N ILE B 175 14.99 -8.84 -11.87
CA ILE B 175 13.62 -8.55 -11.47
C ILE B 175 12.83 -9.84 -11.51
N TRP B 176 12.11 -10.12 -10.41
CA TRP B 176 11.37 -11.35 -10.25
C TRP B 176 9.88 -11.06 -10.04
N ASP B 177 9.04 -11.90 -10.66
CA ASP B 177 7.61 -11.91 -10.38
C ASP B 177 7.42 -12.63 -9.05
N THR B 178 6.90 -11.92 -8.04
CA THR B 178 6.79 -12.50 -6.71
C THR B 178 5.95 -13.78 -6.72
N ALA B 179 4.81 -13.75 -7.41
CA ALA B 179 3.83 -14.81 -7.26
C ALA B 179 4.34 -16.13 -7.82
N SER B 180 5.10 -16.06 -8.92
CA SER B 180 5.54 -17.23 -9.67
C SER B 180 7.01 -17.54 -9.44
N GLY B 181 7.81 -16.55 -9.03
CA GLY B 181 9.25 -16.70 -8.89
C GLY B 181 10.00 -16.58 -10.23
N GLN B 182 9.34 -16.14 -11.30
CA GLN B 182 9.99 -16.10 -12.61
C GLN B 182 10.76 -14.78 -12.79
N CYS B 183 11.92 -14.86 -13.44
CA CYS B 183 12.74 -13.69 -13.72
C CYS B 183 12.18 -12.95 -14.93
N LEU B 184 11.83 -11.68 -14.73
CA LEU B 184 11.25 -10.86 -15.80
C LEU B 184 12.30 -10.00 -16.51
N LYS B 185 13.43 -9.72 -15.86
CA LYS B 185 14.48 -8.90 -16.46
C LYS B 185 15.81 -9.17 -15.77
N THR B 186 16.87 -9.27 -16.59
CA THR B 186 18.24 -9.19 -16.11
C THR B 186 18.88 -7.94 -16.69
N LEU B 187 19.54 -7.13 -15.83
CA LEU B 187 20.39 -6.06 -16.30
C LEU B 187 21.86 -6.48 -16.20
N ILE B 188 22.52 -6.58 -17.36
CA ILE B 188 23.90 -7.03 -17.48
C ILE B 188 24.72 -6.00 -18.28
N ASP B 191 29.39 -4.55 -19.55
CA ASP B 191 30.33 -4.93 -18.47
C ASP B 191 29.51 -5.37 -17.26
N ASN B 192 30.19 -5.97 -16.26
CA ASN B 192 29.54 -6.57 -15.11
C ASN B 192 30.40 -6.46 -13.85
N PRO B 193 30.68 -5.25 -13.32
CA PRO B 193 31.30 -5.12 -11.99
C PRO B 193 30.31 -5.63 -10.94
N PRO B 194 30.79 -6.13 -9.78
CA PRO B 194 29.89 -6.59 -8.71
C PRO B 194 28.82 -5.53 -8.43
N VAL B 195 27.60 -6.00 -8.22
CA VAL B 195 26.52 -5.11 -7.79
C VAL B 195 26.36 -5.30 -6.29
N SER B 196 26.52 -4.19 -5.56
CA SER B 196 26.69 -4.23 -4.11
C SER B 196 25.41 -3.80 -3.41
N PHE B 197 24.47 -3.22 -4.16
CA PHE B 197 23.21 -2.79 -3.57
C PHE B 197 22.21 -2.49 -4.68
N VAL B 198 20.93 -2.79 -4.42
CA VAL B 198 19.84 -2.38 -5.29
C VAL B 198 18.56 -2.16 -4.48
N LYS B 199 17.69 -1.28 -4.98
N LYS B 199 17.71 -1.26 -4.98
CA LYS B 199 16.34 -1.18 -4.46
CA LYS B 199 16.42 -0.90 -4.39
C LYS B 199 15.51 -0.35 -5.42
C LYS B 199 15.53 -0.38 -5.51
N PHE B 200 14.20 -0.63 -5.43
CA PHE B 200 13.25 0.06 -6.28
C PHE B 200 13.07 1.49 -5.80
N SER B 201 12.76 2.38 -6.75
CA SER B 201 12.28 3.72 -6.45
C SER B 201 10.89 3.61 -5.80
N PRO B 202 10.46 4.63 -5.00
CA PRO B 202 9.12 4.60 -4.43
C PRO B 202 8.00 4.31 -5.44
N ASN B 203 8.15 4.82 -6.68
CA ASN B 203 7.09 4.71 -7.67
C ASN B 203 7.20 3.39 -8.43
N GLY B 204 8.25 2.60 -8.17
CA GLY B 204 8.37 1.27 -8.72
C GLY B 204 8.95 1.24 -10.13
N LYS B 205 9.18 2.41 -10.76
CA LYS B 205 9.53 2.45 -12.17
C LYS B 205 11.05 2.27 -12.36
N TYR B 206 11.80 2.60 -11.31
CA TYR B 206 13.25 2.66 -11.41
C TYR B 206 13.88 1.77 -10.35
N ILE B 207 15.13 1.36 -10.60
N ILE B 207 15.18 1.57 -10.55
CA ILE B 207 15.96 0.77 -9.57
CA ILE B 207 15.99 0.79 -9.64
C ILE B 207 17.23 1.61 -9.44
C ILE B 207 17.31 1.53 -9.45
N LEU B 208 17.67 1.76 -8.18
CA LEU B 208 18.94 2.39 -7.85
C LEU B 208 19.90 1.25 -7.58
N ALA B 209 21.02 1.19 -8.29
CA ALA B 209 21.99 0.12 -8.14
C ALA B 209 23.38 0.70 -7.87
N ALA B 210 24.07 0.11 -6.87
CA ALA B 210 25.45 0.46 -6.58
C ALA B 210 26.35 -0.61 -7.18
N THR B 211 27.50 -0.19 -7.73
CA THR B 211 28.54 -1.10 -8.16
C THR B 211 29.84 -0.73 -7.46
N LEU B 212 30.76 -1.69 -7.38
CA LEU B 212 31.99 -1.46 -6.64
C LEU B 212 33.02 -0.75 -7.52
N ASP B 213 32.55 0.21 -8.30
CA ASP B 213 33.40 1.12 -9.05
C ASP B 213 33.05 2.55 -8.64
N ASN B 214 32.63 2.73 -7.37
CA ASN B 214 32.34 4.06 -6.82
C ASN B 214 31.20 4.73 -7.58
N THR B 215 30.18 3.96 -7.96
CA THR B 215 29.12 4.46 -8.83
C THR B 215 27.75 3.98 -8.34
N LEU B 216 26.80 4.92 -8.28
CA LEU B 216 25.38 4.60 -8.21
C LEU B 216 24.74 4.96 -9.52
N LYS B 217 23.79 4.12 -9.97
CA LYS B 217 23.03 4.35 -11.18
C LYS B 217 21.54 4.19 -10.92
N LEU B 218 20.75 5.10 -11.52
CA LEU B 218 19.30 4.99 -11.55
C LEU B 218 18.87 4.43 -12.89
N TRP B 219 18.30 3.22 -12.88
CA TRP B 219 17.89 2.51 -14.08
C TRP B 219 16.38 2.54 -14.26
N ASP B 220 15.93 2.80 -15.49
CA ASP B 220 14.65 2.29 -15.95
C ASP B 220 14.88 0.87 -16.43
N TYR B 221 14.33 -0.12 -15.71
CA TYR B 221 14.65 -1.53 -15.95
C TYR B 221 13.69 -2.14 -16.97
N SER B 222 12.51 -1.53 -17.12
CA SER B 222 11.57 -1.92 -18.17
C SER B 222 12.22 -1.69 -19.54
N LYS B 223 12.66 -0.45 -19.79
CA LYS B 223 13.31 -0.10 -21.05
C LYS B 223 14.80 -0.39 -20.99
N GLY B 224 15.35 -0.56 -19.78
CA GLY B 224 16.73 -1.01 -19.60
C GLY B 224 17.76 0.08 -19.90
N LYS B 225 17.50 1.30 -19.40
CA LYS B 225 18.34 2.45 -19.68
C LYS B 225 18.78 3.09 -18.35
N CYS B 226 20.07 3.43 -18.25
CA CYS B 226 20.57 4.20 -17.14
C CYS B 226 20.17 5.67 -17.33
N LEU B 227 19.43 6.24 -16.37
CA LEU B 227 18.88 7.58 -16.51
C LEU B 227 19.80 8.59 -15.81
N LYS B 228 20.39 8.15 -14.70
CA LYS B 228 21.26 9.00 -13.91
C LYS B 228 22.39 8.15 -13.36
N THR B 229 23.55 8.79 -13.20
CA THR B 229 24.70 8.23 -12.52
C THR B 229 25.10 9.21 -11.42
N TYR B 230 25.43 8.68 -10.24
CA TYR B 230 25.88 9.48 -9.11
C TYR B 230 27.28 9.01 -8.69
N THR B 231 28.26 9.94 -8.67
CA THR B 231 29.65 9.61 -8.36
C THR B 231 30.23 10.66 -7.42
N GLY B 232 31.50 10.44 -7.03
CA GLY B 232 32.21 11.35 -6.14
C GLY B 232 32.47 10.72 -4.78
N HIS B 233 31.71 9.68 -4.47
CA HIS B 233 31.88 8.89 -3.26
C HIS B 233 32.87 7.75 -3.52
N LYS B 234 33.18 7.01 -2.45
CA LYS B 234 34.11 5.88 -2.49
C LYS B 234 33.36 4.59 -2.13
N ASN B 235 33.32 3.66 -3.08
CA ASN B 235 32.63 2.39 -2.88
C ASN B 235 33.28 1.35 -3.80
N GLU B 236 34.29 0.66 -3.26
CA GLU B 236 35.02 -0.37 -4.01
C GLU B 236 35.01 -1.72 -3.29
N LYS B 237 34.51 -1.75 -2.05
CA LYS B 237 34.71 -2.90 -1.18
C LYS B 237 33.40 -3.42 -0.54
N TYR B 238 32.53 -2.53 -0.07
CA TYR B 238 31.41 -2.93 0.78
C TYR B 238 30.05 -2.78 0.08
N CYS B 239 29.08 -3.54 0.58
CA CYS B 239 27.70 -3.39 0.16
C CYS B 239 27.09 -2.28 1.02
N ILE B 240 27.00 -1.07 0.46
CA ILE B 240 26.57 0.10 1.21
C ILE B 240 25.14 0.40 0.81
N PHE B 241 24.28 0.61 1.81
CA PHE B 241 22.88 0.92 1.56
C PHE B 241 22.80 2.31 0.95
N ALA B 242 21.88 2.47 -0.01
CA ALA B 242 21.52 3.79 -0.50
C ALA B 242 20.01 3.97 -0.41
N ASN B 243 19.57 5.23 -0.57
CA ASN B 243 18.19 5.60 -0.30
C ASN B 243 17.70 6.68 -1.25
N PHE B 244 16.36 6.69 -1.45
CA PHE B 244 15.66 7.82 -2.01
C PHE B 244 15.11 8.62 -0.84
N SER B 245 15.58 9.86 -0.67
CA SER B 245 15.01 10.75 0.33
C SER B 245 13.89 11.54 -0.33
N VAL B 246 12.67 11.51 0.22
CA VAL B 246 11.51 12.08 -0.47
C VAL B 246 10.69 12.99 0.44
N THR B 247 11.08 13.18 1.71
CA THR B 247 10.23 13.93 2.63
C THR B 247 10.32 15.43 2.34
N GLY B 248 11.47 15.87 1.83
CA GLY B 248 11.67 17.24 1.43
C GLY B 248 12.14 17.30 -0.02
N GLY B 249 13.38 17.74 -0.22
CA GLY B 249 13.98 17.69 -1.54
C GLY B 249 14.13 16.23 -1.98
N LYS B 250 14.18 16.00 -3.30
CA LYS B 250 14.32 14.66 -3.85
CA LYS B 250 14.32 14.66 -3.85
C LYS B 250 15.81 14.34 -4.01
N TRP B 251 16.35 13.59 -3.02
CA TRP B 251 17.77 13.29 -2.95
C TRP B 251 18.02 11.80 -3.16
N ILE B 252 19.28 11.48 -3.50
CA ILE B 252 19.86 10.16 -3.30
C ILE B 252 20.81 10.28 -2.13
N VAL B 253 20.73 9.32 -1.20
CA VAL B 253 21.59 9.27 -0.03
C VAL B 253 22.38 7.96 -0.05
N SER B 254 23.67 8.04 0.28
CA SER B 254 24.47 6.82 0.44
C SER B 254 25.59 7.05 1.45
N GLY B 255 25.98 5.97 2.14
CA GLY B 255 27.26 5.91 2.83
C GLY B 255 28.43 5.87 1.84
N SER B 256 29.63 5.79 2.39
CA SER B 256 30.86 5.89 1.61
C SER B 256 32.01 5.36 2.45
N GLU B 257 33.06 4.89 1.77
CA GLU B 257 34.20 4.29 2.44
C GLU B 257 35.22 5.35 2.87
N ASP B 258 34.93 6.63 2.60
CA ASP B 258 35.74 7.74 3.07
C ASP B 258 35.10 8.35 4.32
N ASN B 259 34.14 7.61 4.90
CA ASN B 259 33.56 7.88 6.21
C ASN B 259 32.54 9.02 6.15
N LEU B 260 32.07 9.37 4.94
CA LEU B 260 31.10 10.44 4.80
C LEU B 260 29.75 9.87 4.37
N VAL B 261 28.68 10.58 4.73
CA VAL B 261 27.39 10.42 4.08
C VAL B 261 27.34 11.39 2.90
N TYR B 262 27.00 10.87 1.72
CA TYR B 262 26.83 11.65 0.50
C TYR B 262 25.35 11.81 0.17
N ILE B 263 24.97 13.03 -0.27
CA ILE B 263 23.62 13.36 -0.68
C ILE B 263 23.71 14.04 -2.04
N TRP B 264 22.98 13.49 -3.03
CA TRP B 264 22.91 14.06 -4.37
C TRP B 264 21.50 14.57 -4.65
N ASN B 265 21.42 15.63 -5.47
CA ASN B 265 20.20 15.98 -6.17
C ASN B 265 19.90 14.87 -7.17
N LEU B 266 18.71 14.29 -7.09
CA LEU B 266 18.37 13.10 -7.86
C LEU B 266 18.39 13.42 -9.36
N GLN B 267 17.87 14.60 -9.73
CA GLN B 267 17.74 15.00 -11.12
C GLN B 267 19.06 15.54 -11.68
N THR B 268 19.77 16.41 -10.94
CA THR B 268 20.94 17.07 -11.49
C THR B 268 22.18 16.21 -11.29
N LYS B 269 22.15 15.35 -10.26
CA LYS B 269 23.22 14.41 -9.98
C LYS B 269 24.39 15.11 -9.28
N GLU B 270 24.21 16.37 -8.89
CA GLU B 270 25.24 17.12 -8.18
C GLU B 270 25.19 16.75 -6.70
N ILE B 271 26.38 16.60 -6.09
CA ILE B 271 26.47 16.46 -4.64
C ILE B 271 26.03 17.76 -4.00
N VAL B 272 25.06 17.65 -3.09
CA VAL B 272 24.46 18.81 -2.46
C VAL B 272 24.87 18.86 -0.99
N GLN B 273 25.29 17.72 -0.42
CA GLN B 273 25.87 17.74 0.92
C GLN B 273 26.74 16.51 1.17
N LYS B 274 27.75 16.68 2.03
CA LYS B 274 28.56 15.60 2.56
C LYS B 274 28.58 15.74 4.07
N LEU B 275 28.18 14.67 4.77
CA LEU B 275 28.05 14.73 6.21
C LEU B 275 29.28 14.08 6.84
N GLN B 276 30.04 14.90 7.58
CA GLN B 276 31.28 14.50 8.22
C GLN B 276 31.01 14.20 9.69
N GLY B 277 31.65 13.15 10.24
CA GLY B 277 31.54 12.86 11.66
C GLY B 277 31.99 11.44 12.01
N HIS B 278 31.60 10.46 11.19
CA HIS B 278 31.92 9.07 11.46
C HIS B 278 33.43 8.88 11.35
N THR B 279 33.94 7.86 12.04
CA THR B 279 35.37 7.56 12.04
C THR B 279 35.65 6.21 11.37
N ASP B 280 34.69 5.70 10.60
CA ASP B 280 34.93 4.52 9.77
C ASP B 280 33.89 4.52 8.65
N VAL B 281 33.99 3.53 7.76
CA VAL B 281 33.10 3.38 6.60
C VAL B 281 31.67 3.56 7.06
N VAL B 282 30.93 4.41 6.33
CA VAL B 282 29.50 4.56 6.57
C VAL B 282 28.81 3.48 5.74
N ILE B 283 28.43 2.40 6.40
CA ILE B 283 27.97 1.19 5.73
C ILE B 283 26.48 1.29 5.43
N SER B 284 25.74 2.08 6.23
CA SER B 284 24.29 2.08 6.15
C SER B 284 23.78 3.50 6.38
N THR B 285 22.83 3.90 5.54
CA THR B 285 22.03 5.11 5.74
C THR B 285 20.56 4.72 5.62
N ALA B 286 19.70 5.52 6.28
CA ALA B 286 18.27 5.34 6.23
C ALA B 286 17.62 6.71 6.37
N CYS B 287 16.44 6.82 5.73
CA CYS B 287 15.70 8.06 5.64
C CYS B 287 14.36 7.89 6.36
N HIS B 288 14.05 8.84 7.24
CA HIS B 288 12.83 8.80 8.04
C HIS B 288 11.59 8.91 7.15
N PRO B 289 10.48 8.22 7.48
CA PRO B 289 9.32 8.22 6.59
C PRO B 289 8.55 9.54 6.43
N THR B 290 8.63 10.45 7.41
CA THR B 290 7.85 11.69 7.34
C THR B 290 8.71 12.94 7.54
N GLU B 291 9.78 12.86 8.34
CA GLU B 291 10.63 14.00 8.61
C GLU B 291 11.94 13.92 7.83
N ASN B 292 12.58 15.08 7.62
CA ASN B 292 13.86 15.17 6.94
C ASN B 292 14.94 14.77 7.96
N ILE B 293 14.96 13.48 8.28
CA ILE B 293 15.89 12.89 9.23
C ILE B 293 16.58 11.72 8.54
N ILE B 294 17.92 11.70 8.65
CA ILE B 294 18.75 10.61 8.21
C ILE B 294 19.41 9.94 9.42
N ALA B 295 19.49 8.61 9.36
CA ALA B 295 20.34 7.82 10.23
C ALA B 295 21.49 7.27 9.41
N SER B 296 22.69 7.32 9.97
CA SER B 296 23.87 6.72 9.36
C SER B 296 24.57 5.81 10.37
N ALA B 297 25.29 4.79 9.90
CA ALA B 297 26.00 3.90 10.80
C ALA B 297 27.33 3.46 10.18
N ALA B 298 28.29 3.14 11.05
CA ALA B 298 29.67 2.91 10.63
C ALA B 298 30.26 1.63 11.22
N LEU B 299 31.41 1.24 10.64
CA LEU B 299 32.06 -0.02 10.94
C LEU B 299 32.94 0.08 12.20
N GLU B 300 33.87 -0.87 12.37
CA GLU B 300 34.32 -1.25 13.69
C GLU B 300 35.23 -0.21 14.35
N ASN B 301 35.75 0.79 13.62
CA ASN B 301 36.55 1.84 14.25
C ASN B 301 35.63 2.90 14.86
N ASP B 302 34.31 2.73 14.68
CA ASP B 302 33.33 3.75 15.01
C ASP B 302 32.23 3.11 15.86
N LYS B 303 31.45 2.23 15.23
CA LYS B 303 30.42 1.44 15.90
C LYS B 303 29.23 2.30 16.35
N THR B 304 29.15 3.56 15.89
CA THR B 304 28.04 4.42 16.28
C THR B 304 27.06 4.59 15.13
N ILE B 305 25.88 5.04 15.55
CA ILE B 305 24.81 5.51 14.68
C ILE B 305 24.67 7.01 14.91
N LYS B 306 24.50 7.77 13.83
CA LYS B 306 24.26 9.20 13.95
C LYS B 306 22.91 9.56 13.35
N LEU B 307 22.20 10.47 14.03
CA LEU B 307 20.94 11.00 13.54
C LEU B 307 21.13 12.45 13.12
N TRP B 308 20.65 12.76 11.91
CA TRP B 308 20.83 14.07 11.29
C TRP B 308 19.47 14.68 10.97
N LYS B 309 19.37 16.02 11.03
CA LYS B 309 18.12 16.70 10.72
C LYS B 309 18.36 17.87 9.76
N SER B 310 17.48 17.97 8.77
CA SER B 310 17.55 19.02 7.75
C SER B 310 16.25 19.81 7.69
N ASP B 311 16.34 21.05 7.20
CA ASP B 311 15.17 21.91 7.05
C ASP B 311 14.47 21.64 5.71
N CYS B 312 15.08 20.87 4.81
CA CYS B 312 14.45 20.56 3.55
C CYS B 312 15.04 19.28 2.92
#